data_7BUW
#
_entry.id   7BUW
#
_cell.length_a   84.253
_cell.length_b   84.253
_cell.length_c   181.189
_cell.angle_alpha   90.000
_cell.angle_beta   90.000
_cell.angle_gamma   120.000
#
_symmetry.space_group_name_H-M   'P 32 2 1'
#
_entity_poly.entity_id   1
_entity_poly.type   'polypeptide(L)'
_entity_poly.pdbx_seq_one_letter_code
;MNHKVHHHHHHIEGRHMTELKSKFVKVYSVLKKELLHDSAFGLTDDSRNWVERIMDYNVPGGKLNRGLSVVDSYKLLREL
TGGKSELSDDEIFLASVLGWSVEWIQAYFLVLDDIMDHSHTRRGHPCWFRLPKVGMIAINDGLILRNHVPRILRTHFQTE
HYYLQLVDLFHEVECQTIAGQMLDLITTLAGEINLSSYSLPVYQQITLSKTSYYSFYLPVACALVMLGENLESHDDMKDI
LLEMGTYFQVQDDYLDCFGDPEVIGKIGTDIEDNKCTWLVVQALEHCNEEQKKLLYDNYGRKDPKQVAKVKELYKTLNLE
DLFTQYENKTCKKLTKSIEALPNVAVQAVLKSFLAKIHKRLK
;
_entity_poly.pdbx_strand_id   A,B
#
# COMPACT_ATOMS: atom_id res chain seq x y z
N MET A 17 22.90 -6.33 25.14
CA MET A 17 22.53 -7.69 24.76
C MET A 17 23.05 -8.03 23.37
N THR A 18 24.14 -7.36 22.97
CA THR A 18 24.69 -7.51 21.62
C THR A 18 25.02 -8.97 21.28
N GLU A 19 25.11 -9.84 22.28
CA GLU A 19 25.18 -11.27 22.00
C GLU A 19 23.92 -11.76 21.29
N LEU A 20 22.76 -11.31 21.75
CA LEU A 20 21.47 -11.80 21.25
C LEU A 20 20.90 -10.96 20.11
N LYS A 21 21.46 -9.77 19.88
CA LYS A 21 21.03 -8.91 18.77
C LYS A 21 21.48 -9.47 17.42
N SER A 22 22.71 -9.98 17.37
CA SER A 22 23.28 -10.44 16.10
C SER A 22 22.42 -11.53 15.46
N LYS A 23 21.67 -12.29 16.26
CA LYS A 23 20.75 -13.26 15.69
C LYS A 23 19.63 -12.54 14.96
N PHE A 24 19.00 -11.56 15.63
CA PHE A 24 17.99 -10.73 14.97
C PHE A 24 18.49 -10.22 13.62
N VAL A 25 19.70 -9.68 13.58
CA VAL A 25 20.11 -8.98 12.37
C VAL A 25 20.22 -9.92 11.16
N LYS A 26 20.56 -11.19 11.39
CA LYS A 26 20.64 -12.15 10.28
C LYS A 26 19.27 -12.46 9.68
N VAL A 27 18.20 -12.26 10.45
CA VAL A 27 16.86 -12.56 9.96
C VAL A 27 16.52 -11.63 8.80
N TYR A 28 17.09 -10.42 8.80
CA TYR A 28 16.95 -9.55 7.63
C TYR A 28 17.48 -10.23 6.37
N SER A 29 18.68 -10.81 6.44
CA SER A 29 19.23 -11.51 5.28
C SER A 29 18.33 -12.66 4.87
N VAL A 30 17.79 -13.39 5.85
CA VAL A 30 16.97 -14.55 5.53
C VAL A 30 15.70 -14.12 4.80
N LEU A 31 14.99 -13.14 5.37
CA LEU A 31 13.76 -12.64 4.77
C LEU A 31 14.02 -12.01 3.40
N LYS A 32 15.12 -11.26 3.29
CA LYS A 32 15.49 -10.65 2.03
C LYS A 32 15.66 -11.70 0.93
N LYS A 33 16.48 -12.72 1.19
CA LYS A 33 16.69 -13.75 0.17
C LYS A 33 15.42 -14.54 -0.11
N GLU A 34 14.54 -14.69 0.88
CA GLU A 34 13.24 -15.30 0.59
C GLU A 34 12.44 -14.46 -0.39
N LEU A 35 12.30 -13.16 -0.10
CA LEU A 35 11.48 -12.28 -0.93
C LEU A 35 12.06 -12.13 -2.34
N LEU A 36 13.39 -11.99 -2.45
CA LEU A 36 14.02 -11.80 -3.75
C LEU A 36 13.85 -13.02 -4.65
N HIS A 37 13.86 -14.22 -4.08
CA HIS A 37 13.78 -15.45 -4.85
C HIS A 37 12.41 -16.11 -4.79
N ASP A 38 11.38 -15.35 -4.44
CA ASP A 38 10.01 -15.83 -4.64
C ASP A 38 9.74 -15.84 -6.14
N SER A 39 9.98 -16.97 -6.80
CA SER A 39 9.80 -17.02 -8.24
C SER A 39 8.35 -16.93 -8.67
N ALA A 40 7.41 -16.84 -7.72
CA ALA A 40 6.04 -16.51 -8.07
C ALA A 40 5.97 -15.15 -8.74
N PHE A 41 6.56 -14.15 -8.11
CA PHE A 41 6.89 -12.91 -8.83
C PHE A 41 7.93 -13.24 -9.89
N GLY A 42 7.63 -12.89 -11.13
CA GLY A 42 8.64 -13.08 -12.17
C GLY A 42 9.67 -11.97 -12.10
N LEU A 43 10.86 -12.28 -11.58
CA LEU A 43 11.95 -11.32 -11.53
C LEU A 43 13.07 -11.75 -12.47
N THR A 44 13.51 -10.82 -13.30
CA THR A 44 14.79 -10.99 -13.96
C THR A 44 15.90 -10.70 -12.97
N ASP A 45 17.13 -11.06 -13.34
CA ASP A 45 18.30 -10.68 -12.57
C ASP A 45 18.26 -9.18 -12.25
N ASP A 46 18.02 -8.37 -13.29
CA ASP A 46 18.02 -6.91 -13.18
C ASP A 46 17.07 -6.43 -12.10
N SER A 47 15.79 -6.78 -12.26
CA SER A 47 14.77 -6.37 -11.30
C SER A 47 15.06 -6.91 -9.90
N ARG A 48 15.67 -8.10 -9.81
CA ARG A 48 16.02 -8.65 -8.52
C ARG A 48 16.98 -7.72 -7.77
N ASN A 49 18.03 -7.23 -8.44
CA ASN A 49 18.88 -6.27 -7.73
C ASN A 49 18.18 -4.94 -7.48
N TRP A 50 17.28 -4.51 -8.37
CA TRP A 50 16.56 -3.27 -8.08
C TRP A 50 15.80 -3.39 -6.75
N VAL A 51 15.10 -4.52 -6.57
CA VAL A 51 14.37 -4.74 -5.34
C VAL A 51 15.30 -4.81 -4.15
N GLU A 52 16.44 -5.51 -4.31
CA GLU A 52 17.37 -5.62 -3.19
C GLU A 52 17.93 -4.26 -2.77
N ARG A 53 18.25 -3.38 -3.73
CA ARG A 53 18.77 -2.08 -3.32
C ARG A 53 17.68 -1.24 -2.65
N ILE A 54 16.44 -1.31 -3.16
CA ILE A 54 15.43 -0.49 -2.50
C ILE A 54 15.04 -1.07 -1.15
N MET A 55 15.31 -2.35 -0.89
CA MET A 55 15.23 -2.87 0.47
C MET A 55 16.37 -2.34 1.33
N ASP A 56 17.61 -2.66 0.94
CA ASP A 56 18.77 -2.36 1.76
C ASP A 56 18.91 -0.88 2.08
N TYR A 57 18.36 0.00 1.24
CA TYR A 57 18.38 1.42 1.57
C TYR A 57 17.57 1.69 2.84
N ASN A 58 16.32 1.26 2.87
CA ASN A 58 15.35 1.74 3.84
C ASN A 58 15.26 0.89 5.10
N VAL A 59 15.29 -0.43 4.98
CA VAL A 59 14.95 -1.32 6.10
C VAL A 59 16.10 -1.50 7.08
N PRO A 60 17.25 -2.05 6.69
CA PRO A 60 18.22 -2.52 7.69
C PRO A 60 19.10 -1.44 8.30
N GLY A 61 18.99 -0.20 7.82
CA GLY A 61 19.88 0.86 8.26
C GLY A 61 19.88 1.20 9.75
N GLY A 62 18.74 1.64 10.26
CA GLY A 62 18.68 2.37 11.51
C GLY A 62 19.03 1.55 12.74
N LYS A 63 18.71 2.15 13.89
CA LYS A 63 18.99 1.54 15.19
C LYS A 63 18.18 0.26 15.43
N LEU A 64 17.06 0.10 14.74
CA LEU A 64 16.18 -1.08 14.89
C LEU A 64 15.53 -1.10 16.26
N ASN A 65 15.05 0.05 16.72
CA ASN A 65 14.38 0.13 18.02
C ASN A 65 13.18 -0.80 18.07
N ARG A 66 12.24 -0.61 17.15
CA ARG A 66 10.94 -1.27 17.25
C ARG A 66 11.03 -2.74 16.86
N GLY A 67 11.82 -3.04 15.83
CA GLY A 67 11.99 -4.43 15.43
C GLY A 67 12.60 -5.26 16.54
N LEU A 68 13.60 -4.72 17.23
CA LEU A 68 14.15 -5.42 18.40
C LEU A 68 13.15 -5.45 19.54
N SER A 69 12.40 -4.37 19.77
CA SER A 69 11.49 -4.35 20.90
C SER A 69 10.38 -5.38 20.76
N VAL A 70 10.07 -5.82 19.54
CA VAL A 70 9.18 -6.98 19.39
C VAL A 70 9.75 -8.20 20.10
N VAL A 71 11.01 -8.54 19.78
CA VAL A 71 11.65 -9.72 20.37
C VAL A 71 11.84 -9.52 21.87
N ASP A 72 12.17 -8.30 22.28
CA ASP A 72 12.40 -8.04 23.69
C ASP A 72 11.12 -8.17 24.50
N SER A 73 10.03 -7.60 24.00
CA SER A 73 8.74 -7.76 24.66
C SER A 73 8.32 -9.23 24.69
N TYR A 74 8.63 -9.98 23.62
CA TYR A 74 8.30 -11.40 23.64
C TYR A 74 9.08 -12.13 24.72
N LYS A 75 10.39 -11.90 24.79
CA LYS A 75 11.20 -12.52 25.84
C LYS A 75 10.69 -12.14 27.23
N LEU A 76 10.46 -10.84 27.46
CA LEU A 76 9.91 -10.40 28.73
C LEU A 76 8.65 -11.16 29.08
N LEU A 77 7.70 -11.23 28.15
CA LEU A 77 6.45 -11.94 28.42
C LEU A 77 6.70 -13.42 28.71
N ARG A 78 7.69 -14.02 28.05
CA ARG A 78 7.98 -15.43 28.30
C ARG A 78 8.61 -15.63 29.68
N GLU A 79 9.79 -15.07 29.84
CA GLU A 79 10.57 -15.13 31.07
C GLU A 79 9.69 -14.98 32.31
N LEU A 80 8.73 -14.06 32.26
CA LEU A 80 7.86 -13.87 33.41
C LEU A 80 6.72 -14.88 33.44
N THR A 81 6.21 -15.27 32.28
CA THR A 81 5.18 -16.31 32.22
C THR A 81 5.86 -17.68 32.24
N GLU A 86 10.58 -22.15 27.93
CA GLU A 86 12.04 -22.19 28.06
C GLU A 86 12.71 -21.21 27.10
N LEU A 87 12.08 -21.00 25.93
CA LEU A 87 12.50 -20.11 24.84
C LEU A 87 13.36 -20.85 23.82
N SER A 88 12.72 -21.36 22.77
CA SER A 88 13.40 -22.10 21.72
C SER A 88 14.00 -21.14 20.69
N ASP A 89 14.88 -21.68 19.86
CA ASP A 89 15.47 -20.88 18.80
C ASP A 89 14.42 -20.52 17.74
N ASP A 90 13.48 -21.42 17.47
CA ASP A 90 12.39 -21.11 16.55
C ASP A 90 11.57 -19.93 17.05
N GLU A 91 11.24 -19.94 18.35
CA GLU A 91 10.52 -18.83 18.97
C GLU A 91 11.23 -17.50 18.72
N ILE A 92 12.55 -17.48 18.92
CA ILE A 92 13.33 -16.26 18.72
C ILE A 92 13.31 -15.85 17.26
N PHE A 93 13.52 -16.80 16.35
CA PHE A 93 13.47 -16.51 14.93
C PHE A 93 12.13 -15.89 14.53
N LEU A 94 11.03 -16.46 15.01
CA LEU A 94 9.71 -15.94 14.63
C LEU A 94 9.45 -14.56 15.22
N ALA A 95 9.79 -14.37 16.50
CA ALA A 95 9.72 -13.03 17.08
C ALA A 95 10.53 -12.04 16.24
N SER A 96 11.72 -12.44 15.83
CA SER A 96 12.54 -11.57 14.96
C SER A 96 11.85 -11.31 13.63
N VAL A 97 11.23 -12.33 13.05
CA VAL A 97 10.48 -12.16 11.81
C VAL A 97 9.44 -11.07 11.97
N LEU A 98 8.67 -11.13 13.06
CA LEU A 98 7.70 -10.07 13.35
C LEU A 98 8.38 -8.70 13.51
N GLY A 99 9.49 -8.68 14.26
CA GLY A 99 10.24 -7.44 14.41
C GLY A 99 10.63 -6.82 13.08
N TRP A 100 11.23 -7.62 12.21
CA TRP A 100 11.61 -7.14 10.88
C TRP A 100 10.40 -6.73 10.07
N SER A 101 9.27 -7.41 10.24
CA SER A 101 8.03 -6.96 9.61
C SER A 101 7.67 -5.56 10.07
N VAL A 102 7.84 -5.29 11.37
CA VAL A 102 7.63 -3.93 11.89
C VAL A 102 8.59 -2.96 11.22
N GLU A 103 9.86 -3.35 11.12
CA GLU A 103 10.85 -2.49 10.46
C GLU A 103 10.44 -2.16 9.03
N TRP A 104 9.98 -3.16 8.28
CA TRP A 104 9.50 -2.95 6.92
C TRP A 104 8.33 -1.98 6.87
N ILE A 105 7.30 -2.23 7.68
CA ILE A 105 6.10 -1.40 7.67
C ILE A 105 6.48 0.04 8.02
N GLN A 106 7.41 0.21 8.97
CA GLN A 106 7.87 1.54 9.34
C GLN A 106 8.65 2.19 8.22
N ALA A 107 9.45 1.41 7.49
CA ALA A 107 10.14 1.95 6.32
C ALA A 107 9.15 2.50 5.31
N TYR A 108 8.11 1.73 4.99
CA TYR A 108 7.04 2.23 4.13
C TYR A 108 6.48 3.54 4.64
N PHE A 109 6.11 3.56 5.93
CA PHE A 109 5.55 4.77 6.53
C PHE A 109 6.48 5.95 6.38
N LEU A 110 7.78 5.72 6.58
CA LEU A 110 8.75 6.81 6.58
C LEU A 110 9.07 7.29 5.17
N VAL A 111 9.05 6.39 4.18
CA VAL A 111 9.13 6.83 2.79
C VAL A 111 7.98 7.75 2.45
N LEU A 112 6.76 7.38 2.88
CA LEU A 112 5.63 8.27 2.64
C LEU A 112 5.80 9.59 3.38
N ASP A 113 6.35 9.54 4.59
CA ASP A 113 6.59 10.76 5.36
C ASP A 113 7.56 11.68 4.64
N ASP A 114 8.67 11.12 4.12
CA ASP A 114 9.56 11.87 3.25
C ASP A 114 8.80 12.54 2.12
N ILE A 115 8.03 11.73 1.38
CA ILE A 115 7.30 12.21 0.21
C ILE A 115 6.37 13.36 0.56
N MET A 116 5.79 13.36 1.76
CA MET A 116 4.73 14.33 2.06
C MET A 116 5.27 15.70 2.47
N ASP A 117 6.57 15.86 2.63
CA ASP A 117 7.11 17.17 3.04
C ASP A 117 6.94 18.23 1.96
N GLY A 135 12.02 9.47 -11.40
CA GLY A 135 11.84 10.63 -10.55
C GLY A 135 10.76 10.42 -9.51
N MET A 136 9.63 9.85 -9.93
CA MET A 136 8.55 9.47 -9.03
C MET A 136 8.69 8.02 -8.56
N ILE A 137 9.92 7.58 -8.32
CA ILE A 137 10.20 6.21 -7.92
C ILE A 137 9.88 5.97 -6.46
N ALA A 138 10.08 7.00 -5.61
CA ALA A 138 9.87 6.86 -4.17
C ALA A 138 8.51 6.26 -3.85
N ILE A 139 7.48 6.62 -4.61
CA ILE A 139 6.16 6.01 -4.40
C ILE A 139 6.24 4.52 -4.65
N ASN A 140 6.80 4.14 -5.80
CA ASN A 140 6.87 2.74 -6.17
C ASN A 140 7.74 1.95 -5.21
N ASP A 141 8.88 2.52 -4.82
CA ASP A 141 9.75 1.88 -3.83
C ASP A 141 8.99 1.63 -2.53
N GLY A 142 8.35 2.68 -1.99
CA GLY A 142 7.55 2.54 -0.79
C GLY A 142 6.51 1.45 -0.91
N LEU A 143 5.80 1.40 -2.04
CA LEU A 143 4.75 0.41 -2.19
C LEU A 143 5.32 -1.01 -2.30
N ILE A 144 6.52 -1.14 -2.88
CA ILE A 144 7.18 -2.44 -2.90
C ILE A 144 7.42 -2.91 -1.46
N LEU A 145 7.93 -1.99 -0.63
CA LEU A 145 8.17 -2.33 0.77
C LEU A 145 6.87 -2.69 1.49
N ARG A 146 5.81 -1.91 1.28
CA ARG A 146 4.51 -2.24 1.84
C ARG A 146 4.08 -3.66 1.50
N ASN A 147 4.16 -4.01 0.21
CA ASN A 147 3.66 -5.32 -0.19
C ASN A 147 4.63 -6.44 0.18
N HIS A 148 5.81 -6.12 0.70
CA HIS A 148 6.63 -7.17 1.26
C HIS A 148 6.13 -7.65 2.62
N VAL A 149 5.50 -6.77 3.39
CA VAL A 149 5.08 -7.08 4.75
C VAL A 149 4.17 -8.31 4.82
N PRO A 150 3.05 -8.36 4.10
CA PRO A 150 2.18 -9.53 4.25
C PRO A 150 2.75 -10.75 3.56
N ARG A 151 3.69 -10.61 2.62
CA ARG A 151 4.41 -11.78 2.13
C ARG A 151 5.18 -12.46 3.25
N ILE A 152 5.83 -11.66 4.11
CA ILE A 152 6.53 -12.21 5.26
C ILE A 152 5.54 -12.83 6.24
N LEU A 153 4.51 -12.07 6.61
CA LEU A 153 3.52 -12.58 7.54
C LEU A 153 2.92 -13.91 7.07
N ARG A 154 2.66 -14.01 5.77
CA ARG A 154 2.10 -15.23 5.21
C ARG A 154 3.11 -16.38 5.18
N THR A 155 4.34 -16.07 4.77
CA THR A 155 5.38 -17.08 4.69
C THR A 155 5.66 -17.70 6.06
N HIS A 156 5.58 -16.90 7.12
CA HIS A 156 6.03 -17.38 8.43
C HIS A 156 4.94 -17.56 9.47
N PHE A 157 3.69 -17.21 9.19
CA PHE A 157 2.65 -17.31 10.20
C PHE A 157 1.29 -17.74 9.66
N GLN A 158 1.21 -18.21 8.42
CA GLN A 158 -0.09 -18.63 7.91
C GLN A 158 -0.57 -19.87 8.65
N THR A 159 0.31 -20.84 8.83
CA THR A 159 0.01 -22.07 9.56
C THR A 159 -0.51 -21.82 10.97
N GLU A 160 -0.03 -20.76 11.62
CA GLU A 160 -0.44 -20.46 12.99
C GLU A 160 -1.93 -20.17 13.08
N HIS A 161 -2.50 -20.41 14.26
CA HIS A 161 -3.91 -20.11 14.50
C HIS A 161 -4.18 -18.64 14.69
N TYR A 162 -3.14 -17.80 14.88
CA TYR A 162 -3.31 -16.37 15.04
C TYR A 162 -2.95 -15.60 13.78
N TYR A 163 -2.97 -16.27 12.63
CA TYR A 163 -2.61 -15.62 11.37
C TYR A 163 -3.54 -14.45 11.08
N LEU A 164 -4.85 -14.70 11.08
CA LEU A 164 -5.79 -13.63 10.79
C LEU A 164 -5.68 -12.51 11.80
N GLN A 165 -5.29 -12.83 13.03
CA GLN A 165 -5.11 -11.77 14.01
C GLN A 165 -3.89 -10.91 13.68
N LEU A 166 -2.80 -11.53 13.22
CA LEU A 166 -1.66 -10.74 12.77
C LEU A 166 -2.02 -9.88 11.56
N VAL A 167 -2.74 -10.45 10.60
CA VAL A 167 -3.13 -9.70 9.42
C VAL A 167 -4.00 -8.51 9.81
N ASP A 168 -4.96 -8.72 10.70
CA ASP A 168 -5.82 -7.63 11.12
C ASP A 168 -5.06 -6.60 11.94
N LEU A 169 -4.05 -7.04 12.69
CA LEU A 169 -3.23 -6.09 13.45
C LEU A 169 -2.49 -5.15 12.52
N PHE A 170 -1.74 -5.71 11.57
CA PHE A 170 -0.99 -4.87 10.64
C PHE A 170 -1.94 -4.02 9.80
N HIS A 171 -3.07 -4.59 9.40
CA HIS A 171 -4.07 -3.85 8.64
C HIS A 171 -4.58 -2.63 9.41
N GLU A 172 -5.02 -2.84 10.64
CA GLU A 172 -5.46 -1.75 11.50
C GLU A 172 -4.39 -0.69 11.61
N VAL A 173 -3.15 -1.11 11.87
CA VAL A 173 -2.07 -0.15 12.07
C VAL A 173 -1.84 0.66 10.80
N GLU A 174 -1.89 0.01 9.65
CA GLU A 174 -1.66 0.72 8.41
C GLU A 174 -2.80 1.69 8.10
N CYS A 175 -4.04 1.24 8.30
CA CYS A 175 -5.18 2.12 8.08
C CYS A 175 -5.03 3.37 8.92
N GLN A 176 -4.65 3.20 10.18
CA GLN A 176 -4.63 4.37 11.03
C GLN A 176 -3.41 5.24 10.79
N THR A 177 -2.27 4.67 10.41
CA THR A 177 -1.13 5.49 10.04
C THR A 177 -1.45 6.36 8.82
N ILE A 178 -2.07 5.77 7.80
CA ILE A 178 -2.34 6.57 6.61
C ILE A 178 -3.49 7.55 6.87
N ALA A 179 -4.47 7.17 7.68
CA ALA A 179 -5.49 8.12 8.15
C ALA A 179 -4.85 9.27 8.91
N GLY A 180 -3.85 8.98 9.74
CA GLY A 180 -3.09 10.02 10.38
C GLY A 180 -2.45 10.96 9.39
N GLN A 181 -1.77 10.41 8.38
CA GLN A 181 -1.21 11.25 7.32
C GLN A 181 -2.28 12.13 6.66
N MET A 182 -3.47 11.58 6.44
CA MET A 182 -4.53 12.36 5.80
C MET A 182 -5.00 13.50 6.70
N LEU A 183 -5.19 13.21 7.99
CA LEU A 183 -5.44 14.28 8.95
C LEU A 183 -4.32 15.31 8.94
N ASP A 184 -3.07 14.85 8.82
CA ASP A 184 -1.93 15.77 8.83
C ASP A 184 -2.02 16.72 7.65
N LEU A 185 -2.28 16.19 6.46
CA LEU A 185 -2.51 17.03 5.30
C LEU A 185 -3.60 18.06 5.58
N ILE A 186 -4.79 17.57 5.94
CA ILE A 186 -5.92 18.48 6.14
C ILE A 186 -5.57 19.57 7.15
N THR A 187 -5.16 19.16 8.34
CA THR A 187 -4.88 20.10 9.41
C THR A 187 -3.72 21.05 9.10
N THR A 188 -2.50 20.51 8.99
CA THR A 188 -1.31 21.34 8.85
C THR A 188 -1.27 22.16 7.56
N LEU A 189 -0.56 21.64 6.55
CA LEU A 189 -0.37 22.35 5.30
C LEU A 189 -1.67 22.97 4.78
N ALA A 190 -2.74 22.18 4.66
CA ALA A 190 -3.96 22.70 4.06
C ALA A 190 -4.85 23.49 5.02
N GLY A 191 -4.61 23.43 6.33
CA GLY A 191 -5.31 24.25 7.30
C GLY A 191 -4.51 25.45 7.74
N GLU A 192 -3.92 26.16 6.78
CA GLU A 192 -2.83 27.13 6.96
C GLU A 192 -3.00 28.18 8.07
N ILE A 193 -3.17 29.45 7.70
CA ILE A 193 -2.71 30.52 8.58
C ILE A 193 -3.68 30.92 9.70
N ASN A 194 -4.98 30.66 9.55
CA ASN A 194 -5.83 30.77 10.73
C ASN A 194 -5.53 29.57 11.64
N LEU A 195 -4.53 29.71 12.50
CA LEU A 195 -4.03 28.62 13.33
C LEU A 195 -4.98 28.21 14.44
N SER A 196 -6.14 28.86 14.58
CA SER A 196 -7.16 28.33 15.47
C SER A 196 -7.60 26.93 15.09
N SER A 197 -7.14 26.41 13.95
CA SER A 197 -7.33 25.00 13.62
C SER A 197 -6.55 24.10 14.57
N TYR A 198 -5.43 24.58 15.10
CA TYR A 198 -4.53 23.79 15.93
C TYR A 198 -5.11 23.67 17.33
N SER A 199 -5.80 22.56 17.60
CA SER A 199 -6.33 22.29 18.93
C SER A 199 -5.69 21.02 19.48
N LEU A 200 -5.72 20.90 20.81
CA LEU A 200 -5.23 19.70 21.46
C LEU A 200 -5.90 18.42 20.95
N PRO A 201 -7.21 18.34 20.74
CA PRO A 201 -7.77 17.10 20.17
C PRO A 201 -7.24 16.77 18.79
N VAL A 202 -7.10 17.77 17.92
CA VAL A 202 -6.56 17.51 16.58
C VAL A 202 -5.12 17.03 16.66
N TYR A 203 -4.30 17.73 17.45
CA TYR A 203 -2.94 17.30 17.71
C TYR A 203 -2.90 15.86 18.20
N GLN A 204 -3.76 15.53 19.17
CA GLN A 204 -3.72 14.20 19.75
C GLN A 204 -4.18 13.14 18.76
N GLN A 205 -5.20 13.43 17.95
CA GLN A 205 -5.63 12.44 16.97
C GLN A 205 -4.55 12.19 15.92
N ILE A 206 -3.89 13.25 15.47
CA ILE A 206 -2.79 13.07 14.53
C ILE A 206 -1.68 12.24 15.16
N THR A 207 -1.20 12.65 16.34
CA THR A 207 -0.13 11.91 17.00
C THR A 207 -0.51 10.45 17.23
N LEU A 208 -1.74 10.18 17.68
CA LEU A 208 -2.24 8.83 17.89
C LEU A 208 -2.18 7.99 16.63
N SER A 209 -2.97 8.38 15.60
CA SER A 209 -3.13 7.50 14.44
C SER A 209 -1.89 7.48 13.57
N LYS A 210 -1.26 8.64 13.36
CA LYS A 210 -0.09 8.71 12.48
C LYS A 210 1.07 7.86 13.00
N THR A 211 1.47 8.06 14.26
CA THR A 211 2.68 7.46 14.78
C THR A 211 2.42 6.39 15.85
N SER A 212 1.81 6.77 16.97
CA SER A 212 1.66 5.91 18.14
C SER A 212 1.30 4.47 17.79
N TYR A 213 0.37 4.29 16.86
CA TYR A 213 -0.05 2.95 16.45
C TYR A 213 1.13 2.08 16.01
N TYR A 214 1.79 2.42 14.90
CA TYR A 214 2.89 1.57 14.46
C TYR A 214 4.12 1.70 15.36
N SER A 215 4.21 2.77 16.15
CA SER A 215 5.43 2.99 16.92
C SER A 215 5.41 2.26 18.25
N PHE A 216 4.25 2.24 18.91
CA PHE A 216 4.17 1.71 20.27
C PHE A 216 3.19 0.57 20.43
N TYR A 217 2.05 0.59 19.75
CA TYR A 217 1.12 -0.54 19.87
C TYR A 217 1.63 -1.75 19.10
N LEU A 218 1.92 -1.56 17.81
CA LEU A 218 2.30 -2.64 16.92
C LEU A 218 3.36 -3.58 17.49
N PRO A 219 4.45 -3.11 18.09
CA PRO A 219 5.49 -4.06 18.50
C PRO A 219 5.06 -4.95 19.65
N VAL A 220 4.45 -4.38 20.69
CA VAL A 220 3.98 -5.17 21.81
C VAL A 220 2.83 -6.09 21.40
N ALA A 221 1.93 -5.57 20.56
CA ALA A 221 0.82 -6.38 20.06
C ALA A 221 1.32 -7.60 19.31
N CYS A 222 2.35 -7.43 18.47
CA CYS A 222 2.96 -8.57 17.79
C CYS A 222 3.36 -9.66 18.77
N ALA A 223 4.07 -9.27 19.84
CA ALA A 223 4.53 -10.23 20.84
C ALA A 223 3.35 -10.94 21.49
N LEU A 224 2.32 -10.18 21.87
CA LEU A 224 1.16 -10.81 22.52
C LEU A 224 0.46 -11.78 21.59
N VAL A 225 0.29 -11.40 20.31
CA VAL A 225 -0.34 -12.31 19.36
C VAL A 225 0.47 -13.58 19.22
N MET A 226 1.80 -13.45 19.12
CA MET A 226 2.67 -14.63 19.11
C MET A 226 2.49 -15.46 20.38
N LEU A 227 2.23 -14.80 21.51
CA LEU A 227 2.07 -15.50 22.78
C LEU A 227 0.72 -16.18 22.92
N GLY A 228 -0.11 -16.15 21.88
CA GLY A 228 -1.41 -16.79 21.90
C GLY A 228 -2.55 -15.91 22.37
N GLU A 229 -2.25 -14.69 22.80
CA GLU A 229 -3.27 -13.82 23.37
C GLU A 229 -4.21 -13.28 22.29
N ASN A 230 -5.36 -12.81 22.75
CA ASN A 230 -6.32 -12.07 21.95
C ASN A 230 -6.17 -10.61 22.30
N LEU A 231 -5.88 -9.78 21.30
CA LEU A 231 -5.67 -8.37 21.55
C LEU A 231 -6.95 -7.68 22.05
N GLU A 232 -8.13 -8.18 21.66
CA GLU A 232 -9.37 -7.48 21.98
C GLU A 232 -9.68 -7.49 23.47
N SER A 233 -8.92 -8.23 24.27
CA SER A 233 -8.99 -8.08 25.72
C SER A 233 -7.72 -7.43 26.23
N HIS A 234 -7.27 -6.37 25.53
CA HIS A 234 -6.14 -5.56 25.98
C HIS A 234 -6.33 -4.10 25.61
N ASP A 235 -7.57 -3.64 25.53
CA ASP A 235 -7.82 -2.25 25.14
C ASP A 235 -7.13 -1.27 26.09
N ASP A 236 -6.99 -1.63 27.36
CA ASP A 236 -6.31 -0.76 28.31
C ASP A 236 -4.83 -0.61 27.95
N MET A 237 -4.16 -1.73 27.67
CA MET A 237 -2.77 -1.66 27.25
C MET A 237 -2.61 -0.90 25.94
N LYS A 238 -3.50 -1.17 24.98
CA LYS A 238 -3.48 -0.42 23.72
C LYS A 238 -3.55 1.08 23.97
N ASP A 239 -4.55 1.50 24.75
CA ASP A 239 -4.73 2.91 25.05
C ASP A 239 -3.47 3.48 25.71
N ILE A 240 -2.84 2.69 26.59
CA ILE A 240 -1.66 3.19 27.28
C ILE A 240 -0.51 3.42 26.30
N LEU A 241 -0.26 2.45 25.43
CA LEU A 241 0.79 2.61 24.42
C LEU A 241 0.50 3.77 23.48
N LEU A 242 -0.76 3.98 23.14
CA LEU A 242 -1.15 5.10 22.28
C LEU A 242 -0.83 6.44 22.94
N GLU A 243 -1.24 6.60 24.20
CA GLU A 243 -0.87 7.80 24.95
C GLU A 243 0.65 7.95 25.01
N MET A 244 1.37 6.83 25.09
CA MET A 244 2.82 6.86 25.11
C MET A 244 3.37 7.45 23.82
N GLY A 245 2.76 7.08 22.69
CA GLY A 245 3.18 7.66 21.42
C GLY A 245 2.92 9.15 21.35
N THR A 246 1.76 9.59 21.86
CA THR A 246 1.49 11.03 21.94
C THR A 246 2.55 11.73 22.80
N TYR A 247 2.92 11.12 23.92
CA TYR A 247 3.98 11.62 24.78
C TYR A 247 5.28 11.82 23.99
N PHE A 248 5.71 10.78 23.28
CA PHE A 248 6.96 10.87 22.53
C PHE A 248 6.91 12.00 21.49
N GLN A 249 5.76 12.18 20.84
CA GLN A 249 5.64 13.28 19.89
C GLN A 249 5.77 14.63 20.57
N VAL A 250 5.10 14.81 21.72
CA VAL A 250 5.24 16.06 22.45
C VAL A 250 6.71 16.31 22.81
N GLN A 251 7.41 15.25 23.23
CA GLN A 251 8.85 15.35 23.46
C GLN A 251 9.55 15.94 22.24
N ASP A 252 9.37 15.29 21.08
CA ASP A 252 10.06 15.76 19.87
C ASP A 252 9.69 17.20 19.54
N ASP A 253 8.43 17.57 19.73
CA ASP A 253 8.01 18.96 19.55
C ASP A 253 8.82 19.92 20.40
N TYR A 254 9.08 19.54 21.67
CA TYR A 254 9.82 20.42 22.56
C TYR A 254 11.31 20.46 22.16
N LEU A 255 11.91 19.29 21.96
CA LEU A 255 13.31 19.21 21.52
C LEU A 255 13.57 20.07 20.30
N ASP A 256 12.66 20.03 19.32
CA ASP A 256 12.73 20.91 18.15
C ASP A 256 13.01 22.36 18.54
N CYS A 257 12.15 22.94 19.39
CA CYS A 257 12.25 24.36 19.72
C CYS A 257 13.41 24.68 20.65
N PHE A 258 13.80 23.74 21.53
CA PHE A 258 14.84 23.98 22.52
C PHE A 258 15.81 22.79 22.46
N GLY A 259 16.78 22.85 21.56
CA GLY A 259 17.77 21.78 21.49
C GLY A 259 18.68 21.94 20.30
N ASP A 260 19.64 21.00 20.21
CA ASP A 260 20.64 21.05 19.16
C ASP A 260 20.45 19.93 18.13
N PRO A 261 20.97 18.70 18.40
CA PRO A 261 21.29 17.76 17.31
C PRO A 261 21.36 18.35 15.92
N GLU A 262 20.61 17.79 14.96
CA GLU A 262 20.63 18.23 13.58
C GLU A 262 19.33 18.93 13.24
N VAL A 263 19.44 20.10 12.60
CA VAL A 263 18.30 20.89 12.14
C VAL A 263 17.44 21.37 13.30
N ASP A 273 8.42 27.94 9.30
CA ASP A 273 7.77 27.31 10.43
C ASP A 273 6.39 26.72 10.08
N ASN A 274 5.36 27.26 10.74
CA ASN A 274 3.96 26.83 10.64
C ASN A 274 3.81 25.31 10.73
N LYS A 275 4.15 24.80 11.91
CA LYS A 275 3.95 23.40 12.28
C LYS A 275 2.96 23.35 13.44
N CYS A 276 2.21 22.25 13.51
CA CYS A 276 1.24 22.05 14.60
C CYS A 276 1.95 21.44 15.81
N THR A 277 2.74 22.26 16.47
CA THR A 277 3.46 21.78 17.64
C THR A 277 2.56 21.78 18.88
N TRP A 278 2.94 20.94 19.84
CA TRP A 278 2.30 21.01 21.15
C TRP A 278 2.54 22.36 21.79
N LEU A 279 3.72 22.94 21.54
CA LEU A 279 4.04 24.25 22.09
C LEU A 279 3.06 25.31 21.61
N VAL A 280 2.78 25.37 20.31
CA VAL A 280 1.86 26.37 19.80
C VAL A 280 0.43 26.08 20.27
N VAL A 281 0.07 24.79 20.41
CA VAL A 281 -1.27 24.45 20.86
C VAL A 281 -1.48 24.93 22.29
N GLN A 282 -0.50 24.72 23.15
CA GLN A 282 -0.58 25.25 24.51
C GLN A 282 -0.60 26.77 24.51
N ALA A 283 0.36 27.38 23.78
CA ALA A 283 0.45 28.84 23.70
C ALA A 283 -0.88 29.48 23.30
N LEU A 284 -1.63 28.83 22.40
CA LEU A 284 -2.88 29.40 21.92
C LEU A 284 -3.85 29.66 23.07
N GLU A 285 -4.25 28.60 23.78
CA GLU A 285 -5.25 28.76 24.83
C GLU A 285 -4.67 29.30 26.14
N HIS A 286 -3.36 29.34 26.30
CA HIS A 286 -2.74 29.82 27.52
C HIS A 286 -2.32 31.28 27.48
N CYS A 287 -2.62 31.98 26.40
CA CYS A 287 -2.23 33.37 26.24
C CYS A 287 -3.46 34.28 26.23
N ASN A 288 -3.22 35.56 26.49
CA ASN A 288 -4.30 36.55 26.47
C ASN A 288 -4.64 36.96 25.04
N GLU A 289 -5.06 38.20 24.83
CA GLU A 289 -5.48 38.64 23.50
C GLU A 289 -4.38 39.31 22.70
N GLU A 290 -3.59 40.21 23.30
CA GLU A 290 -2.46 40.74 22.55
C GLU A 290 -1.37 39.70 22.35
N GLN A 291 -1.34 38.67 23.20
CA GLN A 291 -0.44 37.54 22.94
C GLN A 291 -0.97 36.69 21.78
N LYS A 292 -2.28 36.53 21.68
CA LYS A 292 -2.86 35.91 20.50
C LYS A 292 -2.52 36.71 19.24
N LYS A 293 -2.61 38.05 19.32
CA LYS A 293 -2.19 38.90 18.23
C LYS A 293 -0.73 38.66 17.88
N LEU A 294 0.13 38.55 18.89
CA LEU A 294 1.54 38.26 18.67
C LEU A 294 1.71 36.94 17.92
N LEU A 295 1.03 35.89 18.37
CA LEU A 295 1.18 34.57 17.76
C LEU A 295 0.68 34.57 16.32
N TYR A 296 -0.49 35.14 16.07
CA TYR A 296 -1.01 35.21 14.71
C TYR A 296 -0.08 36.01 13.82
N ASP A 297 0.51 37.09 14.36
CA ASP A 297 1.45 37.89 13.57
C ASP A 297 2.66 37.06 13.17
N ASN A 298 3.24 36.34 14.12
CA ASN A 298 4.60 35.83 13.94
C ASN A 298 4.67 34.35 13.55
N TYR A 299 3.58 33.59 13.67
CA TYR A 299 3.66 32.17 13.37
C TYR A 299 3.62 31.91 11.87
N GLY A 300 4.31 30.86 11.46
CA GLY A 300 4.45 30.55 10.05
C GLY A 300 5.38 31.47 9.30
N ARG A 301 6.15 32.27 10.03
CA ARG A 301 7.02 33.24 9.39
C ARG A 301 8.51 32.93 9.44
N LYS A 302 9.09 32.78 8.24
CA LYS A 302 10.53 32.55 8.10
C LYS A 302 11.25 33.90 8.20
N ASP A 303 11.48 34.30 9.44
CA ASP A 303 12.21 35.51 9.76
C ASP A 303 12.64 35.42 11.22
N PRO A 304 13.95 35.29 11.49
CA PRO A 304 14.40 34.99 12.86
C PRO A 304 13.93 36.02 13.87
N LYS A 305 13.59 37.23 13.42
CA LYS A 305 13.00 38.23 14.31
C LYS A 305 11.63 37.76 14.81
N GLN A 306 10.77 37.32 13.89
CA GLN A 306 9.43 36.87 14.25
C GLN A 306 9.47 35.50 14.91
N VAL A 307 10.34 34.60 14.41
CA VAL A 307 10.61 33.34 15.10
C VAL A 307 10.97 33.60 16.56
N ALA A 308 11.88 34.53 16.80
CA ALA A 308 12.27 34.84 18.18
C ALA A 308 11.13 35.46 18.96
N LYS A 309 10.24 36.21 18.29
CA LYS A 309 9.06 36.71 18.98
C LYS A 309 8.21 35.56 19.50
N VAL A 310 8.08 34.50 18.70
CA VAL A 310 7.32 33.33 19.13
C VAL A 310 8.06 32.61 20.26
N LYS A 311 9.36 32.37 20.08
CA LYS A 311 10.16 31.71 21.12
C LYS A 311 10.06 32.43 22.46
N GLU A 312 10.03 33.75 22.45
CA GLU A 312 10.04 34.46 23.72
C GLU A 312 8.65 34.70 24.27
N LEU A 313 7.61 34.65 23.43
CA LEU A 313 6.28 34.48 23.98
C LEU A 313 6.19 33.14 24.69
N TYR A 314 6.73 32.08 24.07
CA TYR A 314 6.82 30.78 24.73
C TYR A 314 7.49 30.87 26.09
N LYS A 315 8.68 31.47 26.13
CA LYS A 315 9.43 31.54 27.38
C LYS A 315 8.69 32.36 28.44
N THR A 316 8.06 33.48 28.04
CA THR A 316 7.29 34.26 29.01
C THR A 316 6.03 33.53 29.45
N LEU A 317 5.52 32.59 28.64
CA LEU A 317 4.43 31.72 29.06
C LEU A 317 4.89 30.53 29.86
N ASN A 318 6.21 30.33 30.00
CA ASN A 318 6.77 29.23 30.77
C ASN A 318 6.31 27.88 30.23
N LEU A 319 6.49 27.68 28.93
CA LEU A 319 6.16 26.40 28.33
C LEU A 319 7.27 25.38 28.50
N GLU A 320 8.48 25.80 28.86
CA GLU A 320 9.50 24.85 29.27
C GLU A 320 9.11 24.17 30.57
N ASP A 321 8.60 24.95 31.52
CA ASP A 321 8.15 24.39 32.78
C ASP A 321 6.83 23.67 32.62
N LEU A 322 5.96 24.18 31.75
CA LEU A 322 4.77 23.42 31.39
C LEU A 322 5.13 22.08 30.79
N PHE A 323 6.20 22.02 30.00
CA PHE A 323 6.61 20.74 29.44
C PHE A 323 7.15 19.82 30.52
N THR A 324 7.95 20.34 31.45
CA THR A 324 8.42 19.51 32.54
C THR A 324 7.25 18.97 33.37
N GLN A 325 6.28 19.81 33.67
CA GLN A 325 5.08 19.34 34.38
C GLN A 325 4.33 18.30 33.57
N TYR A 326 4.17 18.55 32.26
CA TYR A 326 3.52 17.58 31.39
C TYR A 326 4.23 16.23 31.46
N GLU A 327 5.56 16.25 31.37
CA GLU A 327 6.36 15.03 31.43
C GLU A 327 6.11 14.29 32.75
N ASN A 328 6.19 15.00 33.88
CA ASN A 328 6.00 14.35 35.18
C ASN A 328 4.60 13.77 35.29
N LYS A 329 3.58 14.60 35.05
CA LYS A 329 2.19 14.16 35.14
C LYS A 329 1.91 13.01 34.18
N THR A 330 2.54 13.01 33.01
CA THR A 330 2.31 11.96 32.03
C THR A 330 2.93 10.64 32.48
N CYS A 331 4.19 10.68 32.92
CA CYS A 331 4.79 9.46 33.43
C CYS A 331 4.02 8.94 34.63
N LYS A 332 3.43 9.83 35.43
CA LYS A 332 2.65 9.38 36.57
C LYS A 332 1.34 8.73 36.12
N LYS A 333 0.57 9.42 35.28
CA LYS A 333 -0.65 8.83 34.75
C LYS A 333 -0.38 7.48 34.10
N LEU A 334 0.70 7.37 33.34
CA LEU A 334 0.96 6.13 32.61
C LEU A 334 1.43 5.02 33.53
N THR A 335 2.29 5.33 34.51
CA THR A 335 2.71 4.28 35.44
C THR A 335 1.53 3.79 36.27
N LYS A 336 0.74 4.73 36.79
CA LYS A 336 -0.46 4.40 37.55
C LYS A 336 -1.40 3.49 36.76
N SER A 337 -1.71 3.83 35.51
CA SER A 337 -2.64 3.01 34.76
C SER A 337 -1.99 1.74 34.20
N ILE A 338 -0.66 1.68 34.12
CA ILE A 338 0.01 0.41 33.85
C ILE A 338 -0.20 -0.55 35.00
N GLU A 339 0.11 -0.08 36.22
CA GLU A 339 -0.08 -0.94 37.40
C GLU A 339 -1.52 -1.40 37.55
N ALA A 340 -2.47 -0.63 37.02
CA ALA A 340 -3.88 -1.04 37.03
C ALA A 340 -4.13 -2.34 36.28
N LEU A 341 -3.25 -2.70 35.35
CA LEU A 341 -3.49 -3.86 34.52
C LEU A 341 -3.35 -5.15 35.33
N PRO A 342 -4.25 -6.12 35.13
CA PRO A 342 -4.14 -7.38 35.88
C PRO A 342 -2.86 -8.16 35.59
N ASN A 343 -2.43 -8.22 34.33
CA ASN A 343 -1.31 -9.05 33.93
C ASN A 343 0.01 -8.37 34.28
N VAL A 344 0.88 -9.09 35.01
CA VAL A 344 2.10 -8.49 35.52
C VAL A 344 3.16 -8.37 34.42
N ALA A 345 3.24 -9.34 33.51
CA ALA A 345 4.26 -9.30 32.46
C ALA A 345 3.98 -8.18 31.45
N VAL A 346 2.70 -7.97 31.13
CA VAL A 346 2.33 -6.82 30.31
C VAL A 346 2.76 -5.53 30.99
N GLN A 347 2.59 -5.46 32.31
CA GLN A 347 3.09 -4.32 33.08
C GLN A 347 4.58 -4.16 32.92
N ALA A 348 5.34 -5.26 33.00
CA ALA A 348 6.79 -5.17 32.86
C ALA A 348 7.18 -4.62 31.50
N VAL A 349 6.49 -5.07 30.45
CA VAL A 349 6.81 -4.58 29.11
C VAL A 349 6.49 -3.10 28.98
N LEU A 350 5.33 -2.69 29.48
CA LEU A 350 4.94 -1.28 29.36
C LEU A 350 5.88 -0.39 30.18
N LYS A 351 6.28 -0.84 31.36
CA LYS A 351 7.21 -0.07 32.17
C LYS A 351 8.56 0.03 31.49
N SER A 352 9.02 -1.07 30.88
CA SER A 352 10.21 -1.03 30.03
C SER A 352 10.11 0.10 29.00
N PHE A 353 9.02 0.13 28.24
CA PHE A 353 8.90 1.12 27.18
C PHE A 353 8.89 2.54 27.75
N LEU A 354 8.02 2.79 28.74
CA LEU A 354 7.90 4.13 29.32
C LEU A 354 9.22 4.60 29.91
N ALA A 355 10.01 3.68 30.48
CA ALA A 355 11.32 4.06 31.00
C ALA A 355 12.27 4.42 29.87
N LYS A 356 12.30 3.59 28.81
CA LYS A 356 13.20 3.85 27.69
C LYS A 356 12.98 5.22 27.10
N ILE A 357 11.73 5.66 26.98
CA ILE A 357 11.50 6.94 26.30
C ILE A 357 11.46 8.13 27.24
N HIS A 358 11.73 7.94 28.54
CA HIS A 358 11.65 9.04 29.49
C HIS A 358 12.87 9.94 29.38
N LYS A 359 12.60 11.25 29.40
CA LYS A 359 13.58 12.35 29.30
C LYS A 359 14.55 12.24 28.12
N ARG A 360 14.30 11.28 27.22
CA ARG A 360 15.15 11.09 26.06
C ARG A 360 14.55 10.07 25.10
N GLU B 19 -31.39 -4.78 -14.54
CA GLU B 19 -31.61 -5.49 -13.29
C GLU B 19 -30.33 -5.47 -12.47
N LEU B 20 -29.33 -6.22 -12.94
CA LEU B 20 -28.01 -6.16 -12.32
C LEU B 20 -27.48 -4.74 -12.34
N LYS B 21 -27.70 -4.02 -13.46
CA LYS B 21 -27.29 -2.63 -13.54
C LYS B 21 -27.81 -1.81 -12.36
N SER B 22 -29.09 -1.95 -12.05
CA SER B 22 -29.69 -1.12 -11.01
C SER B 22 -29.35 -1.60 -9.61
N LYS B 23 -29.21 -2.92 -9.42
CA LYS B 23 -28.86 -3.42 -8.08
C LYS B 23 -27.40 -3.13 -7.73
N PHE B 24 -26.47 -3.51 -8.60
CA PHE B 24 -25.04 -3.35 -8.35
C PHE B 24 -24.66 -1.95 -7.86
N VAL B 25 -25.15 -0.91 -8.55
CA VAL B 25 -24.66 0.45 -8.30
C VAL B 25 -25.04 0.94 -6.91
N LYS B 26 -26.15 0.47 -6.35
CA LYS B 26 -26.54 0.86 -5.00
C LYS B 26 -25.59 0.31 -3.94
N VAL B 27 -24.88 -0.77 -4.27
CA VAL B 27 -23.95 -1.36 -3.32
C VAL B 27 -22.78 -0.42 -3.06
N TYR B 28 -22.43 0.42 -4.05
CA TYR B 28 -21.47 1.48 -3.80
C TYR B 28 -21.91 2.40 -2.66
N SER B 29 -23.16 2.86 -2.72
CA SER B 29 -23.67 3.72 -1.65
C SER B 29 -23.64 3.00 -0.31
N VAL B 30 -24.01 1.71 -0.31
CA VAL B 30 -24.06 0.96 0.94
C VAL B 30 -22.66 0.87 1.55
N LEU B 31 -21.68 0.45 0.74
CA LEU B 31 -20.30 0.31 1.21
C LEU B 31 -19.73 1.67 1.62
N LYS B 32 -20.02 2.71 0.84
CA LYS B 32 -19.54 4.05 1.15
C LYS B 32 -20.01 4.51 2.53
N LYS B 33 -21.32 4.45 2.77
CA LYS B 33 -21.82 4.88 4.06
C LYS B 33 -21.35 3.97 5.19
N GLU B 34 -21.09 2.70 4.91
CA GLU B 34 -20.46 1.86 5.92
C GLU B 34 -19.07 2.38 6.28
N LEU B 35 -18.22 2.60 5.26
CA LEU B 35 -16.84 3.00 5.50
C LEU B 35 -16.75 4.37 6.15
N LEU B 36 -17.59 5.32 5.73
CA LEU B 36 -17.54 6.65 6.29
C LEU B 36 -17.92 6.65 7.76
N HIS B 37 -18.88 5.81 8.14
CA HIS B 37 -19.38 5.79 9.52
C HIS B 37 -18.86 4.59 10.30
N ASP B 38 -17.77 3.97 9.84
CA ASP B 38 -17.00 3.05 10.66
C ASP B 38 -16.25 3.87 11.70
N SER B 39 -16.83 3.99 12.89
CA SER B 39 -16.34 4.83 14.00
C SER B 39 -15.00 4.35 14.55
N ALA B 40 -14.36 3.35 13.93
CA ALA B 40 -13.02 2.95 14.34
C ALA B 40 -12.06 4.12 14.26
N PHE B 41 -12.17 4.96 13.24
CA PHE B 41 -11.43 6.21 13.19
C PHE B 41 -12.37 7.38 13.49
N GLY B 42 -11.87 8.32 14.28
CA GLY B 42 -12.63 9.51 14.61
C GLY B 42 -12.62 10.52 13.48
N LEU B 43 -13.72 10.65 12.76
CA LEU B 43 -13.83 11.60 11.67
C LEU B 43 -14.69 12.78 12.07
N THR B 44 -14.17 13.98 11.82
CA THR B 44 -14.97 15.18 11.90
C THR B 44 -15.82 15.32 10.63
N ASP B 45 -16.74 16.29 10.67
CA ASP B 45 -17.49 16.65 9.47
C ASP B 45 -16.55 16.82 8.28
N ASP B 46 -15.52 17.65 8.47
CA ASP B 46 -14.59 18.01 7.40
C ASP B 46 -13.90 16.78 6.81
N SER B 47 -13.22 16.01 7.66
CA SER B 47 -12.51 14.84 7.16
C SER B 47 -13.45 13.82 6.54
N ARG B 48 -14.67 13.71 7.07
CA ARG B 48 -15.66 12.82 6.47
C ARG B 48 -15.96 13.24 5.04
N ASN B 49 -16.13 14.55 4.82
CA ASN B 49 -16.37 15.01 3.45
C ASN B 49 -15.14 14.82 2.57
N TRP B 50 -13.95 15.00 3.14
CA TRP B 50 -12.72 14.78 2.38
C TRP B 50 -12.66 13.35 1.86
N VAL B 51 -12.92 12.38 2.75
CA VAL B 51 -12.89 10.98 2.38
C VAL B 51 -13.98 10.66 1.36
N GLU B 52 -15.18 11.18 1.58
CA GLU B 52 -16.26 10.89 0.63
C GLU B 52 -15.93 11.42 -0.76
N ARG B 53 -15.30 12.59 -0.83
CA ARG B 53 -14.94 13.12 -2.14
C ARG B 53 -13.86 12.26 -2.81
N ILE B 54 -12.87 11.80 -2.03
CA ILE B 54 -11.83 11.00 -2.68
C ILE B 54 -12.34 9.60 -3.02
N MET B 55 -13.43 9.15 -2.40
CA MET B 55 -14.12 7.97 -2.88
C MET B 55 -14.87 8.27 -4.19
N ASP B 56 -15.82 9.21 -4.13
CA ASP B 56 -16.72 9.45 -5.25
C ASP B 56 -15.98 9.86 -6.52
N TYR B 57 -14.80 10.46 -6.39
CA TYR B 57 -14.04 10.79 -7.59
C TYR B 57 -13.64 9.53 -8.34
N ASN B 58 -12.99 8.60 -7.65
CA ASN B 58 -12.26 7.53 -8.33
C ASN B 58 -13.06 6.27 -8.56
N VAL B 59 -13.86 5.84 -7.59
CA VAL B 59 -14.45 4.50 -7.63
C VAL B 59 -15.68 4.44 -8.54
N PRO B 60 -16.76 5.20 -8.27
CA PRO B 60 -18.03 4.89 -8.95
C PRO B 60 -18.16 5.45 -10.36
N GLY B 61 -17.20 6.24 -10.84
CA GLY B 61 -17.30 6.90 -12.12
C GLY B 61 -17.50 6.04 -13.36
N GLY B 62 -16.53 5.18 -13.65
CA GLY B 62 -16.38 4.59 -14.96
C GLY B 62 -17.47 3.61 -15.35
N LYS B 63 -17.17 2.85 -16.41
CA LYS B 63 -18.09 1.87 -16.97
C LYS B 63 -18.35 0.69 -16.03
N LEU B 64 -17.43 0.43 -15.09
CA LEU B 64 -17.55 -0.68 -14.14
C LEU B 64 -17.46 -2.03 -14.83
N ASN B 65 -16.49 -2.18 -15.75
CA ASN B 65 -16.31 -3.43 -16.47
C ASN B 65 -16.04 -4.59 -15.51
N ARG B 66 -15.00 -4.47 -14.69
CA ARG B 66 -14.52 -5.59 -13.89
C ARG B 66 -15.41 -5.86 -12.69
N GLY B 67 -15.89 -4.79 -12.04
CA GLY B 67 -16.78 -4.96 -10.91
C GLY B 67 -18.07 -5.67 -11.28
N LEU B 68 -18.64 -5.32 -12.44
CA LEU B 68 -19.79 -6.07 -12.93
C LEU B 68 -19.39 -7.47 -13.38
N SER B 69 -18.23 -7.62 -14.00
CA SER B 69 -17.84 -8.94 -14.50
C SER B 69 -17.67 -9.93 -13.36
N VAL B 70 -17.42 -9.45 -12.14
CA VAL B 70 -17.47 -10.34 -10.98
C VAL B 70 -18.86 -10.97 -10.87
N VAL B 71 -19.90 -10.13 -10.85
CA VAL B 71 -21.27 -10.62 -10.67
C VAL B 71 -21.70 -11.46 -11.88
N ASP B 72 -21.26 -11.06 -13.07
CA ASP B 72 -21.63 -11.76 -14.30
C ASP B 72 -21.01 -13.14 -14.35
N SER B 73 -19.72 -13.24 -14.05
CA SER B 73 -19.08 -14.55 -13.98
C SER B 73 -19.71 -15.41 -12.91
N TYR B 74 -20.12 -14.80 -11.79
CA TYR B 74 -20.80 -15.56 -10.75
C TYR B 74 -22.11 -16.14 -11.25
N LYS B 75 -22.94 -15.31 -11.88
CA LYS B 75 -24.20 -15.79 -12.42
C LYS B 75 -23.98 -16.89 -13.46
N LEU B 76 -22.99 -16.68 -14.34
CA LEU B 76 -22.66 -17.67 -15.36
C LEU B 76 -22.34 -19.01 -14.71
N LEU B 77 -21.50 -18.99 -13.69
CA LEU B 77 -21.13 -20.21 -12.99
C LEU B 77 -22.32 -20.90 -12.33
N ARG B 78 -23.29 -20.11 -11.88
CA ARG B 78 -24.47 -20.66 -11.20
C ARG B 78 -25.41 -21.46 -12.11
N GLU B 79 -25.91 -22.57 -11.57
CA GLU B 79 -26.86 -23.44 -12.29
C GLU B 79 -27.85 -24.04 -11.30
N GLU B 86 -32.33 -18.76 -9.75
CA GLU B 86 -31.95 -19.50 -8.54
C GLU B 86 -31.11 -18.63 -7.62
N LEU B 87 -30.56 -17.54 -8.17
CA LEU B 87 -29.71 -16.62 -7.42
C LEU B 87 -30.54 -15.90 -6.36
N SER B 88 -30.13 -16.04 -5.09
CA SER B 88 -30.78 -15.27 -4.03
C SER B 88 -30.31 -13.83 -4.08
N ASP B 89 -31.05 -12.96 -3.40
CA ASP B 89 -30.66 -11.56 -3.37
C ASP B 89 -29.38 -11.35 -2.56
N ASP B 90 -29.19 -12.13 -1.50
CA ASP B 90 -27.96 -12.06 -0.73
C ASP B 90 -26.75 -12.44 -1.59
N GLU B 91 -26.87 -13.53 -2.36
CA GLU B 91 -25.80 -13.92 -3.27
C GLU B 91 -25.42 -12.79 -4.20
N ILE B 92 -26.41 -12.12 -4.78
CA ILE B 92 -26.16 -11.03 -5.71
C ILE B 92 -25.47 -9.87 -4.99
N PHE B 93 -25.99 -9.50 -3.81
CA PHE B 93 -25.37 -8.44 -3.02
C PHE B 93 -23.90 -8.74 -2.73
N LEU B 94 -23.59 -9.96 -2.32
CA LEU B 94 -22.20 -10.29 -1.98
C LEU B 94 -21.31 -10.29 -3.21
N ALA B 95 -21.80 -10.85 -4.32
CA ALA B 95 -21.07 -10.74 -5.58
C ALA B 95 -20.78 -9.29 -5.93
N SER B 96 -21.78 -8.43 -5.76
CA SER B 96 -21.60 -7.00 -5.99
C SER B 96 -20.58 -6.39 -5.04
N VAL B 97 -20.60 -6.79 -3.77
CA VAL B 97 -19.60 -6.33 -2.80
C VAL B 97 -18.19 -6.67 -3.29
N LEU B 98 -18.00 -7.91 -3.75
CA LEU B 98 -16.70 -8.30 -4.33
C LEU B 98 -16.37 -7.48 -5.56
N GLY B 99 -17.34 -7.29 -6.46
CA GLY B 99 -17.15 -6.43 -7.61
C GLY B 99 -16.68 -5.03 -7.25
N TRP B 100 -17.38 -4.40 -6.31
CA TRP B 100 -17.00 -3.07 -5.86
C TRP B 100 -15.63 -3.07 -5.18
N SER B 101 -15.29 -4.15 -4.47
CA SER B 101 -13.93 -4.28 -3.95
C SER B 101 -12.92 -4.27 -5.09
N VAL B 102 -13.23 -4.96 -6.19
CA VAL B 102 -12.37 -4.93 -7.36
C VAL B 102 -12.27 -3.49 -7.90
N GLU B 103 -13.40 -2.81 -7.99
CA GLU B 103 -13.41 -1.42 -8.44
C GLU B 103 -12.51 -0.55 -7.56
N TRP B 104 -12.59 -0.73 -6.24
CA TRP B 104 -11.73 -0.01 -5.30
C TRP B 104 -10.25 -0.28 -5.56
N ILE B 105 -9.88 -1.57 -5.59
CA ILE B 105 -8.48 -1.93 -5.77
C ILE B 105 -7.96 -1.35 -7.09
N GLN B 106 -8.80 -1.39 -8.13
CA GLN B 106 -8.43 -0.83 -9.43
C GLN B 106 -8.32 0.70 -9.36
N ALA B 107 -9.18 1.35 -8.58
CA ALA B 107 -9.05 2.78 -8.37
C ALA B 107 -7.69 3.12 -7.78
N TYR B 108 -7.31 2.41 -6.73
CA TYR B 108 -5.97 2.55 -6.16
C TYR B 108 -4.89 2.39 -7.23
N PHE B 109 -4.97 1.29 -7.98
CA PHE B 109 -3.99 1.00 -9.04
C PHE B 109 -3.93 2.14 -10.06
N LEU B 110 -5.08 2.67 -10.43
CA LEU B 110 -5.16 3.68 -11.49
C LEU B 110 -4.71 5.05 -11.00
N VAL B 111 -4.97 5.37 -9.74
CA VAL B 111 -4.39 6.57 -9.14
C VAL B 111 -2.87 6.49 -9.22
N LEU B 112 -2.32 5.32 -8.89
CA LEU B 112 -0.87 5.16 -9.01
C LEU B 112 -0.42 5.27 -10.46
N ASP B 113 -1.21 4.75 -11.39
CA ASP B 113 -0.89 4.84 -12.81
C ASP B 113 -0.87 6.30 -13.27
N ASP B 114 -1.89 7.08 -12.88
CA ASP B 114 -1.89 8.51 -13.11
C ASP B 114 -0.58 9.13 -12.63
N ILE B 115 -0.25 8.87 -11.36
CA ILE B 115 0.95 9.48 -10.78
C ILE B 115 2.19 9.12 -11.59
N MET B 116 2.23 7.90 -12.11
CA MET B 116 3.44 7.41 -12.76
C MET B 116 3.48 7.68 -14.27
N ASP B 117 2.42 8.26 -14.85
CA ASP B 117 2.38 8.63 -16.27
C ASP B 117 2.23 10.15 -16.38
N HIS B 118 3.36 10.86 -16.46
CA HIS B 118 3.37 12.33 -16.47
C HIS B 118 2.52 12.93 -15.36
N VAL B 134 0.81 21.34 -6.76
CA VAL B 134 1.20 21.42 -5.36
C VAL B 134 0.49 20.31 -4.59
N GLY B 135 0.32 19.16 -5.23
CA GLY B 135 -0.46 18.11 -4.61
C GLY B 135 -0.09 16.67 -4.96
N MET B 136 0.83 16.07 -4.18
CA MET B 136 0.87 14.63 -4.04
C MET B 136 -0.03 14.13 -2.91
N ILE B 137 -1.13 14.85 -2.67
CA ILE B 137 -2.30 14.27 -2.02
C ILE B 137 -2.69 12.97 -2.72
N ALA B 138 -2.45 12.91 -4.04
CA ALA B 138 -2.81 11.75 -4.85
C ALA B 138 -2.31 10.44 -4.24
N ILE B 139 -1.11 10.46 -3.65
CA ILE B 139 -0.61 9.25 -3.00
C ILE B 139 -1.54 8.88 -1.85
N ASN B 140 -1.74 9.84 -0.94
CA ASN B 140 -2.54 9.59 0.26
C ASN B 140 -3.96 9.19 -0.11
N ASP B 141 -4.56 9.91 -1.06
CA ASP B 141 -5.88 9.53 -1.54
C ASP B 141 -5.89 8.08 -1.98
N GLY B 142 -4.97 7.72 -2.88
CA GLY B 142 -4.85 6.34 -3.31
C GLY B 142 -4.71 5.40 -2.13
N LEU B 143 -3.83 5.75 -1.19
CA LEU B 143 -3.58 4.86 -0.07
C LEU B 143 -4.80 4.72 0.82
N ILE B 144 -5.65 5.75 0.86
CA ILE B 144 -6.91 5.61 1.58
C ILE B 144 -7.76 4.53 0.93
N LEU B 145 -7.89 4.59 -0.40
CA LEU B 145 -8.74 3.65 -1.11
C LEU B 145 -8.25 2.22 -0.96
N ARG B 146 -6.93 2.01 -1.06
CA ARG B 146 -6.36 0.69 -0.81
C ARG B 146 -6.83 0.14 0.53
N ASN B 147 -6.75 0.96 1.57
CA ASN B 147 -7.07 0.44 2.90
C ASN B 147 -8.57 0.29 3.11
N HIS B 148 -9.37 0.74 2.15
CA HIS B 148 -10.79 0.42 2.18
C HIS B 148 -11.07 -1.01 1.72
N VAL B 149 -10.21 -1.57 0.86
CA VAL B 149 -10.47 -2.90 0.32
C VAL B 149 -10.62 -3.96 1.42
N PRO B 150 -9.67 -4.13 2.35
CA PRO B 150 -9.84 -5.20 3.35
C PRO B 150 -10.86 -4.89 4.42
N ARG B 151 -11.20 -3.62 4.65
CA ARG B 151 -12.31 -3.29 5.53
C ARG B 151 -13.61 -3.84 4.96
N ILE B 152 -13.79 -3.72 3.65
CA ILE B 152 -14.99 -4.29 3.01
C ILE B 152 -14.97 -5.80 3.10
N LEU B 153 -13.88 -6.43 2.63
CA LEU B 153 -13.76 -7.88 2.65
C LEU B 153 -13.99 -8.44 4.04
N ARG B 154 -13.49 -7.75 5.05
CA ARG B 154 -13.65 -8.17 6.44
C ARG B 154 -15.09 -7.99 6.93
N THR B 155 -15.70 -6.86 6.56
CA THR B 155 -17.07 -6.56 6.96
C THR B 155 -18.07 -7.54 6.37
N HIS B 156 -17.83 -8.02 5.15
CA HIS B 156 -18.84 -8.79 4.44
C HIS B 156 -18.48 -10.25 4.23
N PHE B 157 -17.27 -10.70 4.58
CA PHE B 157 -16.90 -12.07 4.31
C PHE B 157 -16.06 -12.73 5.39
N GLN B 158 -15.94 -12.14 6.59
CA GLN B 158 -15.11 -12.74 7.62
C GLN B 158 -15.72 -14.06 8.10
N THR B 159 -17.03 -14.06 8.38
CA THR B 159 -17.72 -15.27 8.80
C THR B 159 -17.56 -16.42 7.79
N GLU B 160 -17.44 -16.11 6.50
CA GLU B 160 -17.36 -17.15 5.49
C GLU B 160 -16.14 -18.02 5.70
N HIS B 161 -16.23 -19.26 5.22
CA HIS B 161 -15.11 -20.20 5.32
C HIS B 161 -14.02 -19.91 4.30
N TYR B 162 -14.29 -19.07 3.31
CA TYR B 162 -13.32 -18.70 2.30
C TYR B 162 -12.75 -17.30 2.51
N TYR B 163 -12.85 -16.77 3.74
CA TYR B 163 -12.36 -15.42 4.01
C TYR B 163 -10.87 -15.28 3.73
N LEU B 164 -10.07 -16.16 4.34
CA LEU B 164 -8.62 -16.08 4.15
C LEU B 164 -8.24 -16.26 2.69
N GLN B 165 -9.05 -17.01 1.93
CA GLN B 165 -8.74 -17.17 0.52
C GLN B 165 -8.96 -15.87 -0.24
N LEU B 166 -10.02 -15.13 0.09
CA LEU B 166 -10.23 -13.80 -0.51
C LEU B 166 -9.12 -12.84 -0.13
N VAL B 167 -8.73 -12.86 1.15
CA VAL B 167 -7.66 -11.96 1.60
C VAL B 167 -6.38 -12.25 0.83
N ASP B 168 -6.02 -13.53 0.70
CA ASP B 168 -4.80 -13.87 -0.02
C ASP B 168 -4.94 -13.60 -1.51
N LEU B 169 -6.14 -13.71 -2.06
CA LEU B 169 -6.34 -13.38 -3.47
C LEU B 169 -6.04 -11.90 -3.73
N PHE B 170 -6.69 -11.02 -2.98
CA PHE B 170 -6.45 -9.60 -3.18
C PHE B 170 -5.01 -9.24 -2.87
N HIS B 171 -4.43 -9.85 -1.85
CA HIS B 171 -3.02 -9.63 -1.53
C HIS B 171 -2.10 -10.01 -2.70
N GLU B 172 -2.25 -11.23 -3.22
CA GLU B 172 -1.48 -11.68 -4.37
C GLU B 172 -1.60 -10.70 -5.52
N VAL B 173 -2.83 -10.30 -5.83
CA VAL B 173 -3.08 -9.43 -6.97
C VAL B 173 -2.38 -8.08 -6.77
N GLU B 174 -2.46 -7.54 -5.57
CA GLU B 174 -1.84 -6.24 -5.32
C GLU B 174 -0.32 -6.34 -5.38
N CYS B 175 0.26 -7.39 -4.78
CA CYS B 175 1.69 -7.57 -4.84
C CYS B 175 2.16 -7.60 -6.28
N GLN B 176 1.46 -8.33 -7.13
CA GLN B 176 1.97 -8.47 -8.48
C GLN B 176 1.68 -7.24 -9.33
N THR B 177 0.58 -6.55 -9.10
CA THR B 177 0.34 -5.29 -9.80
C THR B 177 1.44 -4.28 -9.50
N ILE B 178 1.80 -4.15 -8.23
CA ILE B 178 2.83 -3.16 -7.92
C ILE B 178 4.22 -3.63 -8.34
N ALA B 179 4.50 -4.95 -8.27
CA ALA B 179 5.73 -5.45 -8.85
C ALA B 179 5.78 -5.14 -10.35
N GLY B 180 4.65 -5.28 -11.04
CA GLY B 180 4.56 -4.88 -12.43
C GLY B 180 4.92 -3.41 -12.63
N GLN B 181 4.33 -2.53 -11.83
CA GLN B 181 4.70 -1.12 -11.89
C GLN B 181 6.21 -0.92 -11.71
N MET B 182 6.82 -1.69 -10.80
CA MET B 182 8.25 -1.52 -10.57
C MET B 182 9.06 -1.96 -11.79
N LEU B 183 8.69 -3.09 -12.38
CA LEU B 183 9.27 -3.49 -13.66
C LEU B 183 9.08 -2.41 -14.71
N ASP B 184 7.90 -1.78 -14.72
CA ASP B 184 7.61 -0.76 -15.71
C ASP B 184 8.55 0.43 -15.54
N LEU B 185 8.73 0.87 -14.30
CA LEU B 185 9.70 1.93 -14.01
C LEU B 185 11.08 1.57 -14.53
N ILE B 186 11.64 0.46 -14.05
CA ILE B 186 13.01 0.12 -14.41
C ILE B 186 13.14 -0.02 -15.94
N THR B 187 12.25 -0.77 -16.57
CA THR B 187 12.31 -0.96 -18.01
C THR B 187 12.23 0.39 -18.73
N THR B 188 11.24 1.21 -18.39
CA THR B 188 11.08 2.53 -19.01
C THR B 188 12.34 3.35 -18.80
N LEU B 189 12.68 3.64 -17.54
CA LEU B 189 13.91 4.37 -17.24
C LEU B 189 15.10 3.79 -17.99
N ALA B 190 15.30 2.48 -17.90
CA ALA B 190 16.48 1.88 -18.49
C ALA B 190 16.38 1.77 -20.00
N GLY B 191 15.20 1.99 -20.56
CA GLY B 191 15.10 2.11 -22.00
C GLY B 191 15.11 3.59 -22.34
N GLU B 192 15.90 4.35 -21.60
CA GLU B 192 15.91 5.79 -21.76
C GLU B 192 16.45 6.14 -23.13
N ILE B 193 17.35 5.29 -23.64
CA ILE B 193 17.93 5.37 -24.97
C ILE B 193 18.31 3.95 -25.38
N ASN B 194 18.66 3.12 -24.39
CA ASN B 194 19.18 1.79 -24.60
C ASN B 194 18.02 0.85 -24.85
N LEU B 195 17.61 0.75 -26.11
CA LEU B 195 16.45 -0.08 -26.42
C LEU B 195 16.74 -1.57 -26.33
N SER B 196 18.00 -1.95 -26.13
CA SER B 196 18.32 -3.35 -25.84
C SER B 196 17.72 -3.84 -24.54
N SER B 197 17.13 -2.96 -23.74
CA SER B 197 16.34 -3.40 -22.59
C SER B 197 15.06 -4.10 -23.01
N TYR B 198 14.50 -3.72 -24.15
CA TYR B 198 13.18 -4.18 -24.58
C TYR B 198 13.28 -5.59 -25.16
N SER B 199 12.97 -6.59 -24.34
CA SER B 199 12.90 -7.97 -24.79
C SER B 199 11.51 -8.54 -24.54
N LEU B 200 11.18 -9.58 -25.31
CA LEU B 200 9.90 -10.26 -25.13
C LEU B 200 9.65 -10.74 -23.71
N PRO B 201 10.62 -11.36 -23.00
CA PRO B 201 10.32 -11.74 -21.61
C PRO B 201 9.98 -10.57 -20.72
N VAL B 202 10.69 -9.45 -20.87
CA VAL B 202 10.40 -8.26 -20.06
C VAL B 202 9.01 -7.73 -20.37
N TYR B 203 8.70 -7.59 -21.65
CA TYR B 203 7.36 -7.20 -22.07
C TYR B 203 6.30 -8.09 -21.45
N GLN B 204 6.51 -9.41 -21.52
CA GLN B 204 5.49 -10.36 -21.07
C GLN B 204 5.34 -10.31 -19.56
N GLN B 205 6.43 -10.18 -18.82
CA GLN B 205 6.33 -10.10 -17.36
C GLN B 205 5.62 -8.82 -16.93
N ILE B 206 5.92 -7.70 -17.61
CA ILE B 206 5.23 -6.45 -17.31
C ILE B 206 3.73 -6.62 -17.57
N THR B 207 3.37 -7.06 -18.78
CA THR B 207 1.96 -7.24 -19.12
C THR B 207 1.26 -8.17 -18.14
N LEU B 208 1.89 -9.29 -17.79
CA LEU B 208 1.33 -10.22 -16.82
C LEU B 208 1.07 -9.57 -15.47
N SER B 209 2.15 -9.17 -14.80
CA SER B 209 2.02 -8.78 -13.40
C SER B 209 1.32 -7.43 -13.25
N LYS B 210 1.63 -6.47 -14.10
CA LYS B 210 1.03 -5.14 -13.97
C LYS B 210 -0.48 -5.18 -14.15
N THR B 211 -0.97 -5.77 -15.24
CA THR B 211 -2.37 -5.66 -15.61
C THR B 211 -3.14 -6.96 -15.48
N SER B 212 -2.76 -7.99 -16.24
CA SER B 212 -3.54 -9.22 -16.37
C SER B 212 -4.11 -9.73 -15.04
N TYR B 213 -3.30 -9.74 -14.00
CA TYR B 213 -3.73 -10.22 -12.69
C TYR B 213 -5.01 -9.53 -12.20
N TYR B 214 -4.96 -8.23 -11.94
CA TYR B 214 -6.18 -7.58 -11.48
C TYR B 214 -7.20 -7.42 -12.59
N SER B 215 -6.78 -7.50 -13.86
CA SER B 215 -7.65 -7.23 -14.99
C SER B 215 -8.44 -8.46 -15.45
N PHE B 216 -7.82 -9.64 -15.44
CA PHE B 216 -8.46 -10.85 -15.96
C PHE B 216 -8.61 -11.96 -14.94
N TYR B 217 -7.61 -12.17 -14.07
CA TYR B 217 -7.73 -13.21 -13.08
C TYR B 217 -8.65 -12.81 -11.93
N LEU B 218 -8.38 -11.65 -11.32
CA LEU B 218 -9.06 -11.21 -10.09
C LEU B 218 -10.58 -11.34 -10.12
N PRO B 219 -11.31 -10.90 -11.15
CA PRO B 219 -12.79 -10.97 -11.05
C PRO B 219 -13.32 -12.39 -11.11
N VAL B 220 -12.80 -13.20 -12.03
CA VAL B 220 -13.24 -14.60 -12.12
C VAL B 220 -12.87 -15.33 -10.84
N ALA B 221 -11.68 -15.05 -10.31
CA ALA B 221 -11.24 -15.64 -9.06
C ALA B 221 -12.20 -15.28 -7.92
N CYS B 222 -12.59 -14.00 -7.85
CA CYS B 222 -13.59 -13.57 -6.87
C CYS B 222 -14.85 -14.42 -6.97
N ALA B 223 -15.36 -14.59 -8.20
CA ALA B 223 -16.58 -15.37 -8.40
C ALA B 223 -16.40 -16.81 -7.92
N LEU B 224 -15.28 -17.43 -8.29
CA LEU B 224 -15.05 -18.83 -7.91
C LEU B 224 -14.91 -18.99 -6.41
N VAL B 225 -14.19 -18.08 -5.76
CA VAL B 225 -14.05 -18.16 -4.30
C VAL B 225 -15.41 -18.05 -3.63
N MET B 226 -16.24 -17.12 -4.09
CA MET B 226 -17.61 -17.08 -3.58
C MET B 226 -18.35 -18.38 -3.85
N LEU B 227 -18.06 -19.04 -4.96
CA LEU B 227 -18.72 -20.28 -5.32
C LEU B 227 -18.22 -21.47 -4.51
N GLY B 228 -17.33 -21.26 -3.55
CA GLY B 228 -16.82 -22.32 -2.72
C GLY B 228 -15.57 -23.01 -3.25
N GLU B 229 -15.13 -22.67 -4.45
CA GLU B 229 -13.98 -23.34 -5.04
C GLU B 229 -12.68 -22.93 -4.34
N ASN B 230 -11.67 -23.77 -4.53
CA ASN B 230 -10.31 -23.46 -4.11
C ASN B 230 -9.53 -23.08 -5.37
N LEU B 231 -8.97 -21.87 -5.38
CA LEU B 231 -8.27 -21.39 -6.56
C LEU B 231 -7.05 -22.22 -6.88
N GLU B 232 -6.43 -22.83 -5.85
CA GLU B 232 -5.18 -23.56 -6.05
C GLU B 232 -5.33 -24.81 -6.89
N SER B 233 -6.57 -25.21 -7.20
CA SER B 233 -6.82 -26.24 -8.20
C SER B 233 -7.46 -25.60 -9.43
N HIS B 234 -6.93 -24.46 -9.85
CA HIS B 234 -7.32 -23.80 -11.08
C HIS B 234 -6.15 -23.12 -11.75
N ASP B 235 -4.93 -23.66 -11.55
CA ASP B 235 -3.76 -23.03 -12.16
C ASP B 235 -3.89 -22.92 -13.66
N ASP B 236 -4.59 -23.87 -14.30
CA ASP B 236 -4.79 -23.83 -15.74
C ASP B 236 -5.63 -22.63 -16.13
N MET B 237 -6.75 -22.41 -15.44
CA MET B 237 -7.60 -21.25 -15.69
C MET B 237 -6.86 -19.95 -15.42
N LYS B 238 -6.12 -19.89 -14.31
CA LYS B 238 -5.32 -18.71 -14.00
C LYS B 238 -4.37 -18.38 -15.13
N ASP B 239 -3.58 -19.37 -15.56
CA ASP B 239 -2.62 -19.19 -16.66
C ASP B 239 -3.30 -18.72 -17.93
N ILE B 240 -4.49 -19.26 -18.22
CA ILE B 240 -5.18 -18.89 -19.46
C ILE B 240 -5.61 -17.43 -19.39
N LEU B 241 -6.20 -17.01 -18.26
CA LEU B 241 -6.59 -15.60 -18.12
C LEU B 241 -5.38 -14.67 -18.18
N LEU B 242 -4.25 -15.11 -17.63
CA LEU B 242 -3.04 -14.30 -17.66
C LEU B 242 -2.53 -14.11 -19.10
N GLU B 243 -2.45 -15.20 -19.87
CA GLU B 243 -2.14 -15.07 -21.28
C GLU B 243 -3.16 -14.18 -22.00
N MET B 244 -4.42 -14.24 -21.58
CA MET B 244 -5.43 -13.38 -22.17
C MET B 244 -5.12 -11.91 -21.94
N GLY B 245 -4.64 -11.58 -20.74
CA GLY B 245 -4.23 -10.20 -20.48
C GLY B 245 -3.04 -9.76 -21.32
N THR B 246 -2.05 -10.64 -21.44
CA THR B 246 -0.92 -10.35 -22.33
C THR B 246 -1.40 -10.11 -23.77
N TYR B 247 -2.33 -10.95 -24.22
CA TYR B 247 -2.97 -10.79 -25.52
C TYR B 247 -3.60 -9.40 -25.66
N PHE B 248 -4.42 -9.01 -24.69
CA PHE B 248 -5.08 -7.70 -24.76
C PHE B 248 -4.07 -6.56 -24.82
N GLN B 249 -2.97 -6.66 -24.08
CA GLN B 249 -1.94 -5.62 -24.16
C GLN B 249 -1.29 -5.57 -25.53
N VAL B 250 -0.96 -6.73 -26.11
CA VAL B 250 -0.41 -6.73 -27.46
C VAL B 250 -1.40 -6.10 -28.43
N GLN B 251 -2.68 -6.41 -28.28
CA GLN B 251 -3.73 -5.77 -29.06
C GLN B 251 -3.64 -4.26 -28.98
N ASP B 252 -3.66 -3.72 -27.75
CA ASP B 252 -3.63 -2.26 -27.60
C ASP B 252 -2.35 -1.67 -28.18
N ASP B 253 -1.22 -2.36 -28.02
CA ASP B 253 0.04 -1.93 -28.65
C ASP B 253 -0.11 -1.78 -30.15
N TYR B 254 -0.76 -2.75 -30.80
CA TYR B 254 -0.93 -2.69 -32.25
C TYR B 254 -1.94 -1.60 -32.63
N LEU B 255 -3.11 -1.62 -31.99
CA LEU B 255 -4.16 -0.64 -32.24
C LEU B 255 -3.62 0.79 -32.17
N ASP B 256 -2.81 1.07 -31.17
CA ASP B 256 -2.13 2.36 -31.06
C ASP B 256 -1.49 2.76 -32.39
N CYS B 257 -0.65 1.88 -32.95
CA CYS B 257 0.11 2.20 -34.16
C CYS B 257 -0.72 2.13 -35.44
N PHE B 258 -1.77 1.30 -35.49
CA PHE B 258 -2.57 1.10 -36.71
C PHE B 258 -4.06 1.20 -36.41
N GLY B 259 -4.60 2.42 -36.43
CA GLY B 259 -6.03 2.62 -36.25
C GLY B 259 -6.44 4.08 -36.16
N ASP B 260 -7.70 4.38 -36.49
CA ASP B 260 -8.17 5.77 -36.44
C ASP B 260 -8.29 6.29 -35.01
N ILE B 267 -5.33 9.50 -31.34
CA ILE B 267 -4.18 8.99 -32.07
C ILE B 267 -3.08 8.42 -31.16
N GLY B 268 -2.45 7.35 -31.64
CA GLY B 268 -1.49 6.62 -30.80
C GLY B 268 -0.13 7.31 -30.83
N THR B 269 0.52 7.33 -29.66
CA THR B 269 1.75 8.09 -29.46
C THR B 269 2.86 7.25 -28.83
N ASP B 270 2.86 5.94 -29.05
CA ASP B 270 3.80 5.08 -28.34
C ASP B 270 5.23 5.24 -28.86
N ILE B 271 5.40 5.34 -30.18
CA ILE B 271 6.76 5.48 -30.71
C ILE B 271 7.34 6.84 -30.35
N GLU B 272 6.51 7.88 -30.27
CA GLU B 272 6.95 9.16 -29.75
C GLU B 272 7.43 9.03 -28.30
N ASP B 273 6.70 8.27 -27.50
CA ASP B 273 6.87 8.21 -26.06
C ASP B 273 7.89 7.18 -25.61
N ASN B 274 8.62 6.56 -26.54
CA ASN B 274 9.68 5.61 -26.22
C ASN B 274 9.15 4.43 -25.42
N LYS B 275 7.91 4.01 -25.73
CA LYS B 275 7.28 2.95 -24.97
C LYS B 275 7.78 1.57 -25.43
N CYS B 276 7.61 0.59 -24.54
CA CYS B 276 7.99 -0.80 -24.77
C CYS B 276 6.81 -1.55 -25.39
N THR B 277 6.57 -1.28 -26.67
CA THR B 277 5.50 -1.93 -27.39
C THR B 277 5.92 -3.32 -27.85
N TRP B 278 4.91 -4.17 -28.10
CA TRP B 278 5.18 -5.46 -28.72
C TRP B 278 5.76 -5.29 -30.11
N LEU B 279 5.31 -4.25 -30.82
CA LEU B 279 5.80 -3.99 -32.16
C LEU B 279 7.30 -3.74 -32.17
N VAL B 280 7.79 -2.86 -31.29
CA VAL B 280 9.21 -2.56 -31.28
C VAL B 280 10.02 -3.76 -30.79
N VAL B 281 9.48 -4.55 -29.87
CA VAL B 281 10.19 -5.73 -29.38
C VAL B 281 10.38 -6.72 -30.52
N GLN B 282 9.34 -6.93 -31.32
CA GLN B 282 9.47 -7.79 -32.50
C GLN B 282 10.45 -7.19 -33.50
N ALA B 283 10.26 -5.90 -33.84
CA ALA B 283 11.12 -5.22 -34.80
C ALA B 283 12.59 -5.34 -34.43
N LEU B 284 12.91 -5.32 -33.13
CA LEU B 284 14.30 -5.38 -32.72
C LEU B 284 14.99 -6.64 -33.22
N GLU B 285 14.50 -7.81 -32.81
CA GLU B 285 15.17 -9.05 -33.20
C GLU B 285 14.84 -9.51 -34.62
N HIS B 286 13.85 -8.90 -35.27
CA HIS B 286 13.45 -9.28 -36.62
C HIS B 286 14.07 -8.41 -37.71
N CYS B 287 14.92 -7.46 -37.35
CA CYS B 287 15.53 -6.56 -38.32
C CYS B 287 17.03 -6.82 -38.43
N ASN B 288 17.61 -6.35 -39.54
CA ASN B 288 19.03 -6.51 -39.77
C ASN B 288 19.87 -5.51 -38.97
N GLU B 289 20.97 -5.04 -39.55
CA GLU B 289 21.88 -4.16 -38.84
C GLU B 289 21.61 -2.68 -39.10
N GLU B 290 21.45 -2.28 -40.37
CA GLU B 290 21.07 -0.90 -40.65
C GLU B 290 19.62 -0.61 -40.28
N GLN B 291 18.77 -1.65 -40.18
CA GLN B 291 17.43 -1.45 -39.64
C GLN B 291 17.48 -1.22 -38.13
N LYS B 292 18.41 -1.89 -37.44
CA LYS B 292 18.67 -1.56 -36.05
C LYS B 292 19.13 -0.11 -35.90
N LYS B 293 20.03 0.34 -36.78
CA LYS B 293 20.43 1.74 -36.79
C LYS B 293 19.23 2.66 -37.03
N LEU B 294 18.35 2.29 -37.97
CA LEU B 294 17.14 3.06 -38.21
C LEU B 294 16.29 3.18 -36.95
N LEU B 295 16.05 2.05 -36.28
CA LEU B 295 15.20 2.05 -35.09
C LEU B 295 15.84 2.87 -33.97
N TYR B 296 17.12 2.62 -33.70
CA TYR B 296 17.85 3.38 -32.69
C TYR B 296 17.82 4.87 -33.01
N ASP B 297 17.89 5.24 -34.29
CA ASP B 297 17.84 6.65 -34.66
C ASP B 297 16.49 7.26 -34.30
N ASN B 298 15.41 6.59 -34.69
CA ASN B 298 14.10 7.20 -34.78
C ASN B 298 13.19 6.90 -33.60
N TYR B 299 13.51 5.94 -32.75
CA TYR B 299 12.60 5.61 -31.66
C TYR B 299 12.74 6.61 -30.51
N GLY B 300 11.61 6.87 -29.85
CA GLY B 300 11.57 7.86 -28.80
C GLY B 300 11.56 9.30 -29.30
N ARG B 301 11.34 9.49 -30.59
CA ARG B 301 11.38 10.83 -31.16
C ARG B 301 10.02 11.43 -31.50
N LYS B 302 9.76 12.59 -30.91
CA LYS B 302 8.52 13.32 -31.18
C LYS B 302 8.74 14.21 -32.40
N ASP B 303 8.62 13.60 -33.57
CA ASP B 303 8.78 14.24 -34.86
C ASP B 303 8.14 13.35 -35.92
N PRO B 304 7.02 13.76 -36.52
CA PRO B 304 6.28 12.83 -37.39
C PRO B 304 7.10 12.23 -38.52
N LYS B 305 8.21 12.88 -38.89
CA LYS B 305 9.13 12.31 -39.87
C LYS B 305 9.79 11.04 -39.33
N GLN B 306 10.34 11.11 -38.12
CA GLN B 306 11.02 9.96 -37.54
C GLN B 306 10.00 8.90 -37.09
N VAL B 307 8.88 9.34 -36.53
CA VAL B 307 7.75 8.44 -36.27
C VAL B 307 7.38 7.65 -37.51
N ALA B 308 7.24 8.33 -38.65
CA ALA B 308 6.91 7.64 -39.89
C ALA B 308 8.03 6.73 -40.36
N LYS B 309 9.29 7.08 -40.07
CA LYS B 309 10.38 6.17 -40.37
C LYS B 309 10.20 4.85 -39.62
N VAL B 310 9.80 4.93 -38.35
CA VAL B 310 9.57 3.72 -37.58
C VAL B 310 8.36 2.96 -38.11
N LYS B 311 7.25 3.68 -38.36
CA LYS B 311 6.05 3.04 -38.91
C LYS B 311 6.35 2.28 -40.20
N GLU B 312 7.23 2.82 -41.04
CA GLU B 312 7.45 2.17 -42.32
C GLU B 312 8.56 1.13 -42.27
N LEU B 313 9.45 1.19 -41.28
CA LEU B 313 10.23 0.00 -40.97
C LEU B 313 9.33 -1.13 -40.51
N TYR B 314 8.36 -0.82 -39.64
CA TYR B 314 7.34 -1.79 -39.23
C TYR B 314 6.65 -2.42 -40.43
N LYS B 315 6.10 -1.58 -41.32
CA LYS B 315 5.36 -2.10 -42.46
C LYS B 315 6.26 -2.90 -43.40
N THR B 316 7.50 -2.45 -43.62
CA THR B 316 8.40 -3.24 -44.45
C THR B 316 8.85 -4.53 -43.77
N LEU B 317 8.79 -4.59 -42.43
CA LEU B 317 9.03 -5.84 -41.74
C LEU B 317 7.81 -6.73 -41.65
N ASN B 318 6.65 -6.26 -42.11
CA ASN B 318 5.39 -7.02 -42.08
C ASN B 318 5.00 -7.40 -40.66
N LEU B 319 4.94 -6.41 -39.77
CA LEU B 319 4.47 -6.64 -38.41
C LEU B 319 2.95 -6.59 -38.31
N GLU B 320 2.26 -6.07 -39.32
CA GLU B 320 0.81 -6.22 -39.37
C GLU B 320 0.43 -7.68 -39.57
N ASP B 321 1.16 -8.37 -40.46
CA ASP B 321 0.90 -9.78 -40.69
C ASP B 321 1.43 -10.64 -39.54
N LEU B 322 2.57 -10.24 -38.96
CA LEU B 322 3.03 -10.91 -37.74
C LEU B 322 2.01 -10.78 -36.61
N PHE B 323 1.34 -9.63 -36.52
CA PHE B 323 0.31 -9.49 -35.50
C PHE B 323 -0.92 -10.34 -35.83
N THR B 324 -1.30 -10.39 -37.11
CA THR B 324 -2.42 -11.25 -37.48
C THR B 324 -2.13 -12.71 -37.12
N GLN B 325 -0.91 -13.16 -37.42
CA GLN B 325 -0.50 -14.53 -37.07
C GLN B 325 -0.50 -14.74 -35.56
N TYR B 326 0.05 -13.78 -34.80
CA TYR B 326 0.02 -13.86 -33.34
C TYR B 326 -1.41 -13.99 -32.83
N GLU B 327 -2.30 -13.13 -33.33
CA GLU B 327 -3.71 -13.18 -32.92
C GLU B 327 -4.32 -14.54 -33.18
N ASN B 328 -4.13 -15.07 -34.40
CA ASN B 328 -4.71 -16.35 -34.75
C ASN B 328 -4.17 -17.47 -33.85
N LYS B 329 -2.85 -17.58 -33.76
CA LYS B 329 -2.24 -18.62 -32.93
C LYS B 329 -2.65 -18.48 -31.47
N THR B 330 -2.80 -17.24 -30.99
CA THR B 330 -3.15 -17.01 -29.60
C THR B 330 -4.59 -17.43 -29.33
N CYS B 331 -5.53 -16.98 -30.17
CA CYS B 331 -6.91 -17.40 -30.00
C CYS B 331 -7.06 -18.90 -30.12
N LYS B 332 -6.23 -19.55 -30.94
CA LYS B 332 -6.31 -21.01 -31.05
C LYS B 332 -5.77 -21.69 -29.80
N LYS B 333 -4.57 -21.34 -29.36
CA LYS B 333 -4.02 -21.87 -28.11
C LYS B 333 -4.99 -21.68 -26.95
N LEU B 334 -5.59 -20.49 -26.85
CA LEU B 334 -6.44 -20.18 -25.70
C LEU B 334 -7.77 -20.92 -25.79
N THR B 335 -8.39 -21.00 -26.97
CA THR B 335 -9.63 -21.76 -27.07
C THR B 335 -9.37 -23.24 -26.84
N LYS B 336 -8.33 -23.79 -27.45
CA LYS B 336 -7.94 -25.18 -27.25
C LYS B 336 -7.74 -25.51 -25.77
N SER B 337 -6.94 -24.70 -25.06
CA SER B 337 -6.67 -25.00 -23.66
C SER B 337 -7.79 -24.61 -22.70
N ILE B 338 -8.73 -23.76 -23.14
CA ILE B 338 -9.97 -23.58 -22.38
C ILE B 338 -10.77 -24.87 -22.39
N GLU B 339 -11.01 -25.42 -23.58
CA GLU B 339 -11.76 -26.67 -23.71
C GLU B 339 -11.11 -27.81 -22.94
N ALA B 340 -9.79 -27.75 -22.75
CA ALA B 340 -9.10 -28.77 -21.95
C ALA B 340 -9.59 -28.83 -20.51
N LEU B 341 -10.16 -27.74 -20.01
CA LEU B 341 -10.55 -27.69 -18.61
C LEU B 341 -11.74 -28.61 -18.36
N PRO B 342 -11.73 -29.36 -17.24
CA PRO B 342 -12.85 -30.26 -16.96
C PRO B 342 -14.18 -29.55 -16.77
N ASN B 343 -14.17 -28.43 -16.06
CA ASN B 343 -15.42 -27.77 -15.68
C ASN B 343 -15.95 -26.95 -16.85
N VAL B 344 -17.22 -27.17 -17.18
CA VAL B 344 -17.80 -26.55 -18.37
C VAL B 344 -18.15 -25.09 -18.13
N ALA B 345 -18.60 -24.73 -16.92
CA ALA B 345 -18.99 -23.34 -16.68
C ALA B 345 -17.77 -22.43 -16.63
N VAL B 346 -16.66 -22.91 -16.09
CA VAL B 346 -15.41 -22.17 -16.15
C VAL B 346 -15.03 -21.93 -17.61
N GLN B 347 -15.21 -22.94 -18.46
CA GLN B 347 -15.01 -22.77 -19.89
C GLN B 347 -15.92 -21.70 -20.45
N ALA B 348 -17.18 -21.67 -20.01
CA ALA B 348 -18.12 -20.68 -20.51
C ALA B 348 -17.66 -19.26 -20.16
N VAL B 349 -17.20 -19.07 -18.93
CA VAL B 349 -16.74 -17.74 -18.53
C VAL B 349 -15.50 -17.34 -19.32
N LEU B 350 -14.54 -18.27 -19.47
CA LEU B 350 -13.31 -17.94 -20.18
C LEU B 350 -13.58 -17.65 -21.65
N LYS B 351 -14.50 -18.41 -22.27
CA LYS B 351 -14.85 -18.16 -23.65
C LYS B 351 -15.58 -16.83 -23.81
N SER B 352 -16.46 -16.50 -22.86
CA SER B 352 -17.04 -15.16 -22.81
C SER B 352 -15.97 -14.08 -22.90
N PHE B 353 -14.98 -14.16 -22.02
CA PHE B 353 -13.94 -13.12 -21.97
C PHE B 353 -13.15 -13.07 -23.28
N LEU B 354 -12.66 -14.24 -23.72
CA LEU B 354 -11.84 -14.30 -24.93
C LEU B 354 -12.59 -13.80 -26.16
N ALA B 355 -13.89 -14.07 -26.23
CA ALA B 355 -14.69 -13.56 -27.34
C ALA B 355 -14.84 -12.05 -27.23
N LYS B 356 -15.14 -11.55 -26.02
CA LYS B 356 -15.30 -10.11 -25.84
C LYS B 356 -14.08 -9.34 -26.32
N ILE B 357 -12.87 -9.86 -26.06
CA ILE B 357 -11.68 -9.09 -26.41
C ILE B 357 -11.13 -9.40 -27.80
N HIS B 358 -11.76 -10.30 -28.56
CA HIS B 358 -11.20 -10.72 -29.85
C HIS B 358 -11.42 -9.66 -30.92
N LYS B 359 -10.38 -9.44 -31.74
CA LYS B 359 -10.39 -8.50 -32.88
C LYS B 359 -10.82 -7.09 -32.48
N ARG B 360 -10.74 -6.79 -31.19
CA ARG B 360 -11.12 -5.47 -30.69
C ARG B 360 -10.24 -4.38 -31.28
#